data_7PHG
#
_entry.id   7PHG
#
_cell.length_a   1.00
_cell.length_b   1.00
_cell.length_c   1.00
_cell.angle_alpha   90.00
_cell.angle_beta   90.00
_cell.angle_gamma   90.00
#
_symmetry.space_group_name_H-M   'P 1'
#
loop_
_entity.id
_entity.type
_entity.pdbx_description
1 polymer 'Surface glycoprotein'
2 polymer 'Heavy ChaIn variable'
3 polymer 'Light ChaIn'
#
loop_
_entity_poly.entity_id
_entity_poly.type
_entity_poly.pdbx_seq_one_letter_code
_entity_poly.pdbx_strand_id
1 'polypeptide(L)'
;ITNLCPFGEVFNATRFASVYAWNRKRISNCVADYSVLYNSASFSTFKCYGVSPTKLNDLCFTNVYADSFVIRGDEVRQIA
PGQTGKIADYNYKLPDDFTGCVIAWNSNNLDSKVGGNYNYLYRLFRKSNLKPFERDISTEIYQAGSTPCNGVEGFNCYFP
LQSYGFQPTNGVGYQPYRVVVLSFELLHAPATVCGP
;
A
2 'polypeptide(L)'
;QMQLVQSGPEVKKPGTSVKVSCKASGFTFTSSAVQWVRQARGQRLEWIGWIVVGSGNTDYAQQFQERVTITRDMSTSTAY
MELSSLGSEDTAVYYCAAPNCSGGSCYDGFDLWGQGTMVTVSS
;
H
3 'polypeptide(L)'
;EIVLTQSPGTLSLSPGERATLSCRGSQSVRSSYLGWYQQKPGQAPRLLIYGASSRATGIPDRFSGSGSGTDFTLTISRLE
PEDFAVYYCQQYGSSPWTFGQGTKVEIK
;
L
#
# COMPACT_ATOMS: atom_id res chain seq x y z
N ILE A 1 -39.13 -35.33 0.94
CA ILE A 1 -37.86 -35.84 1.45
C ILE A 1 -36.71 -35.16 0.72
N THR A 2 -36.45 -35.57 -0.51
CA THR A 2 -35.35 -35.03 -1.30
C THR A 2 -34.06 -35.25 -0.50
N ASN A 3 -33.08 -34.37 -0.66
CA ASN A 3 -31.84 -34.43 0.11
C ASN A 3 -31.45 -33.00 0.45
N LEU A 4 -30.23 -32.84 0.97
CA LEU A 4 -29.72 -31.51 1.32
C LEU A 4 -28.21 -31.54 1.23
N CYS A 5 -27.66 -30.94 0.19
CA CYS A 5 -26.23 -30.81 0.04
C CYS A 5 -25.67 -29.88 1.11
N PRO A 6 -24.39 -30.03 1.47
CA PRO A 6 -23.85 -29.34 2.64
C PRO A 6 -23.61 -27.87 2.44
N PHE A 7 -24.61 -27.14 1.92
CA PHE A 7 -24.50 -25.69 1.88
C PHE A 7 -24.40 -25.11 3.29
N GLY A 8 -25.31 -25.51 4.18
CA GLY A 8 -25.28 -25.02 5.55
C GLY A 8 -24.08 -25.49 6.33
N GLU A 9 -23.34 -26.48 5.81
CA GLU A 9 -22.13 -26.95 6.45
C GLU A 9 -20.92 -26.13 6.04
N VAL A 10 -20.74 -25.89 4.74
CA VAL A 10 -19.68 -24.99 4.30
C VAL A 10 -19.95 -23.58 4.80
N PHE A 11 -21.22 -23.24 5.02
CA PHE A 11 -21.53 -21.90 5.52
C PHE A 11 -20.95 -21.67 6.91
N ASN A 12 -20.80 -22.72 7.72
CA ASN A 12 -20.35 -22.59 9.10
C ASN A 12 -19.18 -23.55 9.32
N ALA A 13 -18.01 -22.99 9.60
CA ALA A 13 -16.80 -23.77 9.83
C ALA A 13 -15.80 -22.87 10.54
N THR A 14 -14.81 -23.52 11.16
CA THR A 14 -13.84 -22.77 11.96
C THR A 14 -13.00 -21.84 11.09
N ARG A 15 -12.90 -22.13 9.80
CA ARG A 15 -11.92 -21.46 8.93
C ARG A 15 -12.50 -21.30 7.53
N PHE A 16 -12.78 -20.05 7.15
CA PHE A 16 -13.17 -19.71 5.78
C PHE A 16 -12.02 -19.01 5.04
N ALA A 17 -11.19 -19.83 4.40
CA ALA A 17 -10.25 -19.36 3.38
C ALA A 17 -9.71 -17.98 3.67
N SER A 18 -9.72 -17.10 2.67
CA SER A 18 -9.32 -15.71 2.86
C SER A 18 -10.07 -14.89 1.81
N VAL A 19 -9.62 -13.66 1.57
CA VAL A 19 -10.25 -12.81 0.58
C VAL A 19 -9.79 -13.16 -0.83
N TYR A 20 -8.65 -13.84 -0.95
CA TYR A 20 -8.08 -14.17 -2.25
C TYR A 20 -8.08 -15.66 -2.55
N ALA A 21 -7.94 -16.51 -1.53
CA ALA A 21 -8.10 -17.95 -1.68
C ALA A 21 -9.53 -18.36 -1.43
N TRP A 22 -10.46 -17.43 -1.66
CA TRP A 22 -11.88 -17.66 -1.42
C TRP A 22 -12.34 -18.95 -2.11
N ASN A 23 -13.07 -19.76 -1.35
CA ASN A 23 -13.41 -21.11 -1.79
C ASN A 23 -14.32 -21.07 -3.02
N ARG A 24 -14.22 -22.14 -3.82
CA ARG A 24 -15.04 -22.33 -5.01
C ARG A 24 -15.71 -23.70 -4.85
N LYS A 25 -16.84 -23.72 -4.13
CA LYS A 25 -17.55 -24.96 -3.83
C LYS A 25 -18.72 -25.06 -4.80
N ARG A 26 -18.52 -25.81 -5.89
CA ARG A 26 -19.61 -26.10 -6.79
C ARG A 26 -20.62 -27.02 -6.11
N ILE A 27 -21.89 -26.85 -6.47
CA ILE A 27 -22.98 -27.66 -5.95
C ILE A 27 -23.90 -28.06 -7.08
N SER A 28 -24.42 -29.27 -7.00
CA SER A 28 -25.34 -29.77 -8.02
C SER A 28 -26.20 -30.87 -7.43
N ASN A 29 -27.35 -31.09 -8.07
CA ASN A 29 -28.24 -32.20 -7.73
C ASN A 29 -28.56 -32.24 -6.24
N CYS A 30 -28.99 -31.10 -5.71
CA CYS A 30 -29.41 -31.02 -4.33
C CYS A 30 -30.49 -29.96 -4.18
N VAL A 31 -31.39 -30.18 -3.23
CA VAL A 31 -32.43 -29.20 -2.90
C VAL A 31 -31.82 -28.31 -1.81
N ALA A 32 -31.04 -27.32 -2.25
CA ALA A 32 -30.45 -26.37 -1.32
C ALA A 32 -31.57 -25.64 -0.58
N ASP A 33 -31.65 -25.84 0.73
CA ASP A 33 -32.73 -25.29 1.54
C ASP A 33 -32.38 -23.85 1.88
N TYR A 34 -32.88 -22.91 1.07
CA TYR A 34 -32.66 -21.50 1.37
C TYR A 34 -33.58 -20.97 2.45
N SER A 35 -34.66 -21.69 2.79
CA SER A 35 -35.57 -21.21 3.82
C SER A 35 -34.84 -20.93 5.12
N VAL A 36 -33.80 -21.72 5.41
CA VAL A 36 -33.04 -21.52 6.64
C VAL A 36 -32.30 -20.19 6.60
N LEU A 37 -31.85 -19.76 5.42
CA LEU A 37 -31.04 -18.55 5.29
C LEU A 37 -31.85 -17.30 4.98
N TYR A 38 -33.10 -17.43 4.52
CA TYR A 38 -33.95 -16.26 4.31
C TYR A 38 -35.26 -16.32 5.07
N ASN A 39 -35.91 -17.49 5.13
CA ASN A 39 -37.20 -17.57 5.81
C ASN A 39 -37.06 -17.31 7.29
N SER A 40 -36.08 -17.95 7.93
CA SER A 40 -35.80 -17.77 9.36
C SER A 40 -34.29 -17.80 9.53
N ALA A 41 -33.66 -16.63 9.48
CA ALA A 41 -32.22 -16.51 9.60
C ALA A 41 -31.87 -15.30 10.45
N SER A 42 -30.80 -15.44 11.23
CA SER A 42 -30.22 -14.33 11.99
C SER A 42 -29.01 -13.76 11.27
N PHE A 43 -28.99 -13.82 9.94
CA PHE A 43 -27.82 -13.48 9.15
C PHE A 43 -28.02 -12.06 8.61
N SER A 44 -27.34 -11.10 9.23
CA SER A 44 -27.49 -9.71 8.84
C SER A 44 -27.10 -9.50 7.39
N THR A 45 -27.44 -8.31 6.87
CA THR A 45 -27.02 -7.89 5.54
C THR A 45 -27.25 -8.99 4.51
N PHE A 46 -28.46 -9.57 4.54
CA PHE A 46 -28.84 -10.61 3.58
C PHE A 46 -29.34 -9.99 2.29
N LYS A 47 -28.47 -9.17 1.68
CA LYS A 47 -28.82 -8.42 0.48
C LYS A 47 -28.55 -9.31 -0.73
N CYS A 48 -29.61 -9.82 -1.34
CA CYS A 48 -29.52 -10.67 -2.52
C CYS A 48 -30.08 -9.92 -3.72
N TYR A 49 -29.28 -9.82 -4.78
CA TYR A 49 -29.66 -9.11 -5.99
C TYR A 49 -29.46 -10.02 -7.20
N GLY A 50 -30.43 -9.97 -8.10
CA GLY A 50 -30.50 -10.91 -9.20
C GLY A 50 -31.80 -11.68 -9.15
N VAL A 51 -32.29 -11.93 -7.93
CA VAL A 51 -33.59 -12.52 -7.70
C VAL A 51 -33.99 -12.21 -6.27
N SER A 52 -35.26 -11.90 -6.07
CA SER A 52 -35.72 -11.51 -4.74
C SER A 52 -35.48 -12.64 -3.75
N PRO A 53 -35.07 -12.34 -2.52
CA PRO A 53 -34.81 -13.41 -1.55
C PRO A 53 -36.02 -14.28 -1.28
N THR A 54 -37.21 -13.69 -1.29
CA THR A 54 -38.42 -14.48 -1.14
C THR A 54 -38.59 -15.42 -2.33
N LYS A 55 -39.33 -16.51 -2.10
CA LYS A 55 -39.60 -17.51 -3.13
C LYS A 55 -38.35 -17.88 -3.92
N LEU A 56 -37.18 -17.79 -3.28
CA LEU A 56 -35.94 -18.17 -3.95
C LEU A 56 -35.91 -19.68 -4.22
N ASN A 57 -36.55 -20.48 -3.38
CA ASN A 57 -36.62 -21.91 -3.61
C ASN A 57 -37.28 -22.23 -4.95
N ASP A 58 -38.30 -21.45 -5.33
CA ASP A 58 -38.95 -21.65 -6.62
C ASP A 58 -37.93 -21.58 -7.76
N LEU A 59 -36.93 -20.71 -7.62
CA LEU A 59 -35.93 -20.56 -8.67
C LEU A 59 -34.99 -21.76 -8.70
N CYS A 60 -34.69 -22.23 -9.91
CA CYS A 60 -33.59 -23.15 -10.17
C CYS A 60 -32.51 -22.43 -10.93
N PHE A 61 -31.27 -22.65 -10.52
CA PHE A 61 -30.09 -22.16 -11.22
C PHE A 61 -29.21 -23.36 -11.53
N THR A 62 -28.30 -23.19 -12.48
CA THR A 62 -27.59 -24.34 -13.03
C THR A 62 -26.39 -24.77 -12.19
N ASN A 63 -25.72 -23.84 -11.51
CA ASN A 63 -24.58 -24.20 -10.69
C ASN A 63 -24.43 -23.18 -9.58
N VAL A 64 -24.76 -23.59 -8.35
CA VAL A 64 -24.57 -22.77 -7.16
C VAL A 64 -23.10 -22.82 -6.80
N TYR A 65 -22.47 -21.66 -6.68
CA TYR A 65 -21.06 -21.55 -6.32
C TYR A 65 -20.98 -20.78 -5.01
N ALA A 66 -21.12 -21.49 -3.90
CA ALA A 66 -20.98 -20.88 -2.60
C ALA A 66 -19.57 -20.35 -2.42
N ASP A 67 -19.45 -19.12 -1.95
CA ASP A 67 -18.18 -18.47 -1.74
C ASP A 67 -17.97 -18.27 -0.23
N SER A 68 -16.71 -18.18 0.17
CA SER A 68 -16.35 -18.05 1.58
C SER A 68 -15.41 -16.88 1.73
N PHE A 69 -15.63 -16.05 2.74
CA PHE A 69 -14.90 -14.80 2.85
C PHE A 69 -14.84 -14.33 4.29
N VAL A 70 -13.79 -13.57 4.60
CA VAL A 70 -13.66 -12.84 5.85
C VAL A 70 -13.17 -11.44 5.46
N ILE A 71 -14.03 -10.45 5.61
CA ILE A 71 -13.73 -9.08 5.19
C ILE A 71 -14.23 -8.12 6.25
N ARG A 72 -13.47 -7.05 6.49
CA ARG A 72 -13.83 -6.03 7.45
C ARG A 72 -15.23 -5.52 7.17
N GLY A 73 -15.93 -5.04 8.20
CA GLY A 73 -17.32 -4.65 8.04
C GLY A 73 -17.51 -3.56 7.02
N ASP A 74 -16.59 -2.59 6.98
CA ASP A 74 -16.73 -1.48 6.03
C ASP A 74 -16.71 -2.00 4.60
N GLU A 75 -15.86 -2.99 4.33
CA GLU A 75 -15.74 -3.53 2.97
C GLU A 75 -16.90 -4.44 2.60
N VAL A 76 -17.82 -4.73 3.52
CA VAL A 76 -18.93 -5.61 3.20
C VAL A 76 -19.74 -5.05 2.03
N ARG A 77 -19.98 -3.74 2.03
CA ARG A 77 -20.72 -3.11 0.95
C ARG A 77 -19.94 -3.14 -0.36
N GLN A 78 -18.63 -3.38 -0.31
CA GLN A 78 -17.83 -3.44 -1.52
C GLN A 78 -18.10 -4.71 -2.32
N ILE A 79 -18.78 -5.70 -1.74
CA ILE A 79 -19.18 -6.90 -2.47
C ILE A 79 -20.45 -6.56 -3.21
N ALA A 80 -20.30 -6.11 -4.46
CA ALA A 80 -21.41 -5.68 -5.29
C ALA A 80 -20.90 -5.53 -6.72
N PRO A 81 -21.76 -5.26 -7.70
CA PRO A 81 -21.27 -5.14 -9.08
C PRO A 81 -20.36 -3.93 -9.23
N GLY A 82 -19.06 -4.20 -9.32
CA GLY A 82 -18.07 -3.14 -9.47
C GLY A 82 -17.80 -2.40 -8.18
N GLN A 83 -18.76 -1.58 -7.75
CA GLN A 83 -18.62 -0.75 -6.55
C GLN A 83 -17.24 -0.08 -6.55
N THR A 84 -16.44 -0.33 -5.52
CA THR A 84 -15.11 0.27 -5.41
C THR A 84 -14.40 -0.41 -4.25
N GLY A 85 -13.18 0.06 -3.95
CA GLY A 85 -12.42 -0.44 -2.81
C GLY A 85 -11.57 -1.64 -3.17
N LYS A 86 -10.75 -2.04 -2.20
CA LYS A 86 -9.85 -3.18 -2.40
C LYS A 86 -10.64 -4.43 -2.73
N ILE A 87 -11.86 -4.54 -2.20
CA ILE A 87 -12.71 -5.68 -2.54
C ILE A 87 -13.36 -5.44 -3.89
N ALA A 88 -13.45 -6.51 -4.69
CA ALA A 88 -14.13 -6.48 -5.98
C ALA A 88 -13.34 -5.73 -7.05
N ASP A 89 -12.21 -5.15 -6.67
CA ASP A 89 -11.30 -4.51 -7.61
C ASP A 89 -9.93 -5.16 -7.65
N TYR A 90 -9.31 -5.34 -6.49
CA TYR A 90 -8.08 -6.12 -6.36
C TYR A 90 -8.36 -7.51 -5.82
N ASN A 91 -9.63 -7.90 -5.72
CA ASN A 91 -10.05 -9.15 -5.10
C ASN A 91 -11.21 -9.75 -5.88
N TYR A 92 -11.84 -10.76 -5.29
CA TYR A 92 -13.00 -11.39 -5.90
C TYR A 92 -14.01 -10.33 -6.33
N LYS A 93 -14.26 -10.26 -7.63
CA LYS A 93 -15.16 -9.28 -8.21
C LYS A 93 -16.39 -9.97 -8.77
N LEU A 94 -17.51 -9.25 -8.75
CA LEU A 94 -18.77 -9.77 -9.23
C LEU A 94 -19.14 -9.06 -10.53
N PRO A 95 -19.41 -9.81 -11.60
CA PRO A 95 -19.64 -9.17 -12.90
C PRO A 95 -20.91 -8.33 -12.90
N ASP A 96 -20.92 -7.33 -13.77
CA ASP A 96 -22.09 -6.48 -13.92
C ASP A 96 -23.30 -7.32 -14.30
N ASP A 97 -24.45 -6.96 -13.73
CA ASP A 97 -25.69 -7.73 -13.90
C ASP A 97 -25.54 -9.15 -13.37
N PHE A 98 -24.67 -9.33 -12.38
CA PHE A 98 -24.47 -10.64 -11.79
C PHE A 98 -25.72 -11.07 -11.02
N THR A 99 -26.01 -12.37 -11.08
CA THR A 99 -27.16 -12.94 -10.38
C THR A 99 -26.63 -13.80 -9.24
N GLY A 100 -27.14 -13.54 -8.03
CA GLY A 100 -26.73 -14.30 -6.87
C GLY A 100 -27.13 -13.58 -5.60
N CYS A 101 -26.76 -14.18 -4.47
CA CYS A 101 -27.03 -13.62 -3.16
C CYS A 101 -25.71 -13.31 -2.46
N VAL A 102 -25.77 -12.33 -1.56
CA VAL A 102 -24.63 -11.95 -0.75
C VAL A 102 -25.07 -11.95 0.71
N ILE A 103 -24.57 -12.92 1.47
CA ILE A 103 -24.95 -13.12 2.85
C ILE A 103 -23.75 -12.77 3.72
N ALA A 104 -23.78 -11.61 4.34
CA ALA A 104 -22.69 -11.13 5.17
C ALA A 104 -23.17 -10.97 6.60
N TRP A 105 -22.55 -11.69 7.53
CA TRP A 105 -22.98 -11.73 8.90
C TRP A 105 -21.79 -11.49 9.83
N ASN A 106 -21.99 -10.66 10.84
CA ASN A 106 -20.93 -10.35 11.78
C ASN A 106 -20.40 -11.62 12.43
N SER A 107 -19.09 -11.70 12.56
CA SER A 107 -18.43 -12.89 13.10
C SER A 107 -17.34 -12.49 14.09
N ASN A 108 -17.66 -11.56 14.99
CA ASN A 108 -16.71 -11.21 16.05
C ASN A 108 -16.28 -12.44 16.83
N ASN A 109 -17.17 -13.41 16.99
CA ASN A 109 -16.86 -14.71 17.57
C ASN A 109 -16.62 -15.70 16.44
N LEU A 110 -16.53 -16.99 16.78
CA LEU A 110 -16.34 -18.06 15.80
C LEU A 110 -15.05 -17.86 15.00
N ASP A 111 -13.95 -17.99 15.73
CA ASP A 111 -12.61 -17.88 15.15
C ASP A 111 -12.32 -16.48 14.64
N SER A 112 -12.38 -15.50 15.54
CA SER A 112 -11.83 -14.17 15.28
C SER A 112 -11.38 -13.65 16.65
N LYS A 113 -10.11 -13.87 16.96
CA LYS A 113 -9.58 -13.73 18.31
C LYS A 113 -8.52 -12.65 18.36
N VAL A 114 -7.94 -12.48 19.56
CA VAL A 114 -6.98 -11.41 19.80
C VAL A 114 -5.86 -11.47 18.77
N GLY A 115 -5.46 -10.29 18.28
CA GLY A 115 -4.40 -10.20 17.31
C GLY A 115 -4.86 -10.53 15.91
N GLY A 116 -4.34 -9.81 14.92
CA GLY A 116 -4.67 -10.07 13.54
C GLY A 116 -4.44 -11.53 13.18
N ASN A 117 -5.50 -12.24 12.80
CA ASN A 117 -5.38 -13.66 12.52
C ASN A 117 -4.35 -13.91 11.44
N TYR A 118 -3.56 -14.97 11.63
CA TYR A 118 -2.56 -15.33 10.63
C TYR A 118 -3.19 -15.45 9.24
N ASN A 119 -4.32 -16.14 9.15
CA ASN A 119 -5.07 -16.23 7.92
C ASN A 119 -5.89 -14.96 7.74
N TYR A 120 -6.81 -14.97 6.77
CA TYR A 120 -7.70 -13.85 6.53
C TYR A 120 -6.90 -12.59 6.20
N LEU A 121 -6.17 -12.68 5.10
CA LEU A 121 -5.34 -11.59 4.60
C LEU A 121 -6.15 -10.72 3.63
N TYR A 122 -5.54 -9.62 3.21
CA TYR A 122 -6.05 -8.86 2.08
C TYR A 122 -5.64 -9.56 0.79
N ARG A 123 -5.86 -8.87 -0.33
CA ARG A 123 -5.11 -9.14 -1.55
C ARG A 123 -5.21 -7.87 -2.40
N LEU A 124 -4.14 -7.09 -2.38
CA LEU A 124 -4.13 -5.76 -2.96
C LEU A 124 -2.80 -5.52 -3.65
N PHE A 125 -2.74 -4.44 -4.42
CA PHE A 125 -1.55 -4.12 -5.22
C PHE A 125 -1.24 -5.24 -6.21
N ARG A 126 -2.15 -5.39 -7.18
CA ARG A 126 -1.91 -6.24 -8.34
C ARG A 126 -1.83 -5.38 -9.60
N LYS A 127 -1.45 -6.02 -10.70
CA LYS A 127 -1.16 -5.27 -11.92
C LYS A 127 -2.41 -4.58 -12.47
N SER A 128 -3.55 -5.27 -12.43
CA SER A 128 -4.78 -4.78 -13.03
C SER A 128 -5.89 -4.78 -11.99
N ASN A 129 -7.12 -4.56 -12.45
CA ASN A 129 -8.29 -4.57 -11.59
C ASN A 129 -8.98 -5.94 -11.56
N LEU A 130 -8.32 -6.98 -12.07
CA LEU A 130 -8.86 -8.33 -12.02
C LEU A 130 -10.14 -8.43 -12.84
N LYS A 131 -10.59 -9.65 -13.09
CA LYS A 131 -11.84 -9.91 -13.79
C LYS A 131 -12.79 -10.67 -12.87
N PRO A 132 -14.10 -10.58 -13.11
CA PRO A 132 -15.05 -11.23 -12.21
C PRO A 132 -14.83 -12.74 -12.12
N PHE A 133 -15.00 -13.27 -10.92
CA PHE A 133 -15.05 -14.70 -10.60
C PHE A 133 -13.70 -15.39 -10.69
N GLU A 134 -12.64 -14.71 -11.13
CA GLU A 134 -11.34 -15.34 -11.30
C GLU A 134 -10.62 -15.40 -9.95
N ARG A 135 -10.23 -16.61 -9.55
CA ARG A 135 -9.46 -16.76 -8.33
C ARG A 135 -8.08 -16.12 -8.48
N ASP A 136 -7.62 -15.50 -7.40
CA ASP A 136 -6.27 -14.96 -7.34
C ASP A 136 -5.54 -15.69 -6.21
N ILE A 137 -4.96 -16.84 -6.53
CA ILE A 137 -4.24 -17.67 -5.57
C ILE A 137 -2.76 -17.35 -5.56
N SER A 138 -2.15 -17.28 -6.75
CA SER A 138 -0.72 -17.03 -6.84
C SER A 138 -0.35 -15.73 -6.13
N THR A 139 0.68 -15.79 -5.30
CA THR A 139 1.20 -14.63 -4.61
C THR A 139 2.62 -14.37 -5.07
N GLU A 140 2.87 -13.17 -5.56
CA GLU A 140 4.19 -12.78 -6.03
C GLU A 140 4.42 -11.34 -5.62
N ILE A 141 5.68 -11.00 -5.37
CA ILE A 141 6.03 -9.65 -4.96
C ILE A 141 5.60 -8.68 -6.06
N TYR A 142 4.62 -7.85 -5.76
CA TYR A 142 3.96 -7.05 -6.77
C TYR A 142 4.87 -5.94 -7.29
N GLN A 143 4.90 -5.81 -8.62
CA GLN A 143 5.73 -4.81 -9.28
C GLN A 143 5.05 -3.45 -9.24
N ALA A 144 5.73 -2.46 -8.69
CA ALA A 144 5.27 -1.08 -8.64
C ALA A 144 6.24 -0.16 -9.37
N GLY A 145 6.82 -0.65 -10.44
CA GLY A 145 7.80 0.12 -11.17
C GLY A 145 8.26 -0.61 -12.41
N SER A 146 9.32 -0.08 -13.03
CA SER A 146 9.83 -0.66 -14.26
C SER A 146 10.74 -1.86 -13.97
N THR A 147 11.68 -1.70 -13.06
CA THR A 147 12.67 -2.74 -12.81
C THR A 147 12.03 -3.96 -12.14
N PRO A 148 12.15 -5.16 -12.72
CA PRO A 148 11.66 -6.35 -12.02
C PRO A 148 12.70 -6.86 -11.01
N CYS A 149 12.40 -6.69 -9.74
CA CYS A 149 13.26 -7.25 -8.69
C CYS A 149 13.13 -8.77 -8.66
N ASN A 150 14.19 -9.43 -8.20
CA ASN A 150 14.40 -10.85 -8.43
C ASN A 150 13.91 -11.73 -7.27
N GLY A 151 12.86 -11.31 -6.58
CA GLY A 151 12.19 -12.17 -5.62
C GLY A 151 12.27 -11.76 -4.16
N VAL A 152 12.85 -10.59 -3.87
CA VAL A 152 12.95 -10.08 -2.51
C VAL A 152 12.39 -8.67 -2.48
N GLU A 153 11.65 -8.34 -1.43
CA GLU A 153 10.95 -7.07 -1.35
C GLU A 153 11.94 -5.94 -1.00
N GLY A 154 11.39 -4.77 -0.71
CA GLY A 154 12.15 -3.56 -0.50
C GLY A 154 11.21 -2.38 -0.66
N PHE A 155 11.61 -1.37 -1.42
CA PHE A 155 10.62 -0.42 -1.92
C PHE A 155 10.03 -0.95 -3.20
N ASN A 156 8.81 -0.52 -3.52
CA ASN A 156 8.07 -1.14 -4.61
C ASN A 156 8.02 -2.64 -4.29
N CYS A 157 7.96 -3.49 -5.32
CA CYS A 157 7.98 -4.94 -5.12
C CYS A 157 7.11 -5.36 -3.94
N TYR A 158 5.98 -4.69 -3.81
CA TYR A 158 5.20 -4.79 -2.59
C TYR A 158 4.65 -6.21 -2.44
N PHE A 159 4.59 -6.68 -1.20
CA PHE A 159 3.91 -7.95 -0.95
C PHE A 159 2.40 -7.73 -1.11
N PRO A 160 1.75 -8.46 -2.02
CA PRO A 160 0.35 -8.17 -2.34
C PRO A 160 -0.66 -8.70 -1.33
N LEU A 161 -0.22 -9.15 -0.15
CA LEU A 161 -1.10 -9.69 0.86
C LEU A 161 -0.92 -8.91 2.16
N GLN A 162 -2.04 -8.65 2.84
CA GLN A 162 -2.01 -7.90 4.09
C GLN A 162 -2.97 -8.53 5.08
N SER A 163 -2.50 -8.75 6.30
CA SER A 163 -3.31 -9.38 7.33
C SER A 163 -4.38 -8.43 7.83
N TYR A 164 -5.60 -8.94 7.95
CA TYR A 164 -6.71 -8.19 8.53
C TYR A 164 -6.41 -8.00 10.02
N GLY A 165 -5.98 -6.80 10.38
CA GLY A 165 -5.60 -6.52 11.75
C GLY A 165 -6.77 -6.20 12.65
N PHE A 166 -7.52 -7.22 13.06
CA PHE A 166 -8.69 -7.04 13.90
C PHE A 166 -8.54 -7.82 15.20
N GLN A 167 -9.09 -7.24 16.26
CA GLN A 167 -9.17 -7.83 17.59
C GLN A 167 -10.64 -8.02 17.96
N PRO A 168 -10.94 -8.89 18.94
CA PRO A 168 -12.34 -9.13 19.29
C PRO A 168 -12.99 -7.96 20.02
N THR A 169 -12.29 -6.83 20.09
CA THR A 169 -12.81 -5.61 20.71
C THR A 169 -12.69 -4.43 19.76
N ASN A 170 -12.85 -4.68 18.46
CA ASN A 170 -12.82 -3.63 17.46
C ASN A 170 -14.14 -2.88 17.47
N GLY A 171 -14.29 -1.89 16.59
CA GLY A 171 -15.52 -1.15 16.47
C GLY A 171 -16.63 -1.98 15.86
N VAL A 172 -17.60 -1.32 15.24
CA VAL A 172 -18.72 -2.01 14.63
C VAL A 172 -18.43 -2.38 13.17
N GLY A 173 -17.83 -1.46 12.41
CA GLY A 173 -17.51 -1.71 11.03
C GLY A 173 -16.21 -2.42 10.78
N TYR A 174 -15.42 -2.69 11.82
CA TYR A 174 -14.13 -3.35 11.67
C TYR A 174 -14.19 -4.84 11.98
N GLN A 175 -15.17 -5.29 12.76
CA GLN A 175 -15.27 -6.71 13.05
C GLN A 175 -15.47 -7.48 11.74
N PRO A 176 -14.76 -8.59 11.54
CA PRO A 176 -14.89 -9.31 10.27
C PRO A 176 -16.32 -9.82 10.08
N TYR A 177 -16.94 -9.35 9.00
CA TYR A 177 -18.27 -9.80 8.60
C TYR A 177 -18.11 -10.96 7.63
N ARG A 178 -17.99 -12.17 8.17
CA ARG A 178 -17.92 -13.37 7.35
C ARG A 178 -19.07 -13.35 6.34
N VAL A 179 -18.73 -13.31 5.06
CA VAL A 179 -19.72 -13.18 4.00
C VAL A 179 -19.55 -14.35 3.04
N VAL A 180 -20.67 -14.83 2.50
CA VAL A 180 -20.66 -15.81 1.42
C VAL A 180 -21.39 -15.19 0.23
N VAL A 181 -20.75 -15.25 -0.93
CA VAL A 181 -21.36 -14.76 -2.16
C VAL A 181 -21.88 -15.95 -2.94
N LEU A 182 -23.14 -16.31 -2.72
CA LEU A 182 -23.74 -17.45 -3.39
C LEU A 182 -23.92 -17.08 -4.86
N SER A 183 -22.99 -17.53 -5.70
CA SER A 183 -22.94 -17.12 -7.10
C SER A 183 -23.84 -18.04 -7.93
N PHE A 184 -25.06 -17.60 -8.16
CA PHE A 184 -25.94 -18.29 -9.11
C PHE A 184 -25.28 -18.31 -10.48
N GLU A 185 -25.77 -19.22 -11.34
CA GLU A 185 -25.27 -19.34 -12.71
C GLU A 185 -26.41 -19.85 -13.57
N LEU A 186 -27.08 -18.93 -14.28
CA LEU A 186 -28.17 -19.26 -15.18
C LEU A 186 -27.61 -19.24 -16.60
N LEU A 187 -27.06 -20.37 -17.04
CA LEU A 187 -26.48 -20.51 -18.36
C LEU A 187 -27.25 -21.59 -19.14
N HIS A 188 -26.71 -21.97 -20.29
CA HIS A 188 -27.38 -22.89 -21.20
C HIS A 188 -27.15 -24.35 -20.84
N ALA A 189 -26.81 -24.64 -19.59
CA ALA A 189 -26.67 -26.01 -19.10
C ALA A 189 -27.88 -26.37 -18.23
N PRO A 190 -28.20 -27.65 -18.13
CA PRO A 190 -29.43 -28.04 -17.41
C PRO A 190 -29.41 -27.57 -15.97
N ALA A 191 -30.57 -27.12 -15.50
CA ALA A 191 -30.73 -26.70 -14.11
C ALA A 191 -30.72 -27.92 -13.20
N THR A 192 -29.97 -27.82 -12.10
CA THR A 192 -29.81 -28.94 -11.18
C THR A 192 -30.35 -28.66 -9.80
N VAL A 193 -30.13 -27.46 -9.26
CA VAL A 193 -30.59 -27.14 -7.91
C VAL A 193 -32.04 -26.65 -7.96
N CYS A 194 -32.97 -27.55 -7.65
CA CYS A 194 -34.39 -27.20 -7.54
C CYS A 194 -34.91 -27.71 -6.22
N GLY A 195 -36.18 -27.43 -5.96
CA GLY A 195 -36.90 -28.06 -4.88
C GLY A 195 -37.23 -27.12 -3.74
N PRO A 196 -38.24 -27.46 -2.94
CA PRO A 196 -38.55 -26.67 -1.74
C PRO A 196 -37.43 -26.75 -0.70
N GLN B 1 1.01 19.03 -10.93
CA GLN B 1 1.79 18.91 -9.66
C GLN B 1 0.89 18.41 -8.53
N MET B 2 1.33 17.36 -7.85
CA MET B 2 0.55 16.70 -6.81
C MET B 2 0.87 17.33 -5.46
N GLN B 3 -0.17 17.65 -4.70
CA GLN B 3 -0.03 18.36 -3.43
C GLN B 3 0.18 17.35 -2.31
N LEU B 4 1.32 17.46 -1.62
CA LEU B 4 1.57 16.74 -0.38
C LEU B 4 1.75 17.75 0.73
N VAL B 5 0.66 18.09 1.41
CA VAL B 5 0.67 19.11 2.46
C VAL B 5 0.75 18.42 3.81
N GLN B 6 1.25 19.15 4.80
CA GLN B 6 1.43 18.63 6.14
C GLN B 6 1.03 19.69 7.15
N SER B 7 0.89 19.26 8.41
CA SER B 7 0.56 20.19 9.48
C SER B 7 1.70 21.18 9.70
N GLY B 8 1.33 22.38 10.17
CA GLY B 8 2.29 23.41 10.43
C GLY B 8 3.25 23.01 11.53
N PRO B 9 4.09 23.96 11.93
CA PRO B 9 5.09 23.66 12.97
C PRO B 9 4.43 23.31 14.29
N GLU B 10 5.08 22.41 15.02
CA GLU B 10 4.62 21.97 16.33
C GLU B 10 5.72 22.20 17.37
N VAL B 11 5.33 22.71 18.53
CA VAL B 11 6.21 22.82 19.69
C VAL B 11 5.71 21.85 20.74
N LYS B 12 6.57 20.92 21.14
CA LYS B 12 6.17 19.84 22.04
C LYS B 12 7.22 19.68 23.14
N LYS B 13 6.73 19.39 24.35
CA LYS B 13 7.61 19.12 25.47
C LYS B 13 8.51 17.93 25.14
N PRO B 14 9.83 18.08 25.23
CA PRO B 14 10.72 16.93 25.02
C PRO B 14 10.28 15.73 25.85
N GLY B 15 10.24 14.56 25.20
CA GLY B 15 9.79 13.36 25.86
C GLY B 15 8.30 13.12 25.79
N THR B 16 7.59 13.74 24.85
CA THR B 16 6.16 13.58 24.68
C THR B 16 5.87 12.99 23.30
N SER B 17 4.59 12.96 22.94
CA SER B 17 4.15 12.41 21.67
C SER B 17 3.92 13.54 20.65
N VAL B 18 4.15 13.20 19.39
CA VAL B 18 3.88 14.10 18.27
C VAL B 18 3.05 13.34 17.24
N LYS B 19 2.33 14.10 16.41
CA LYS B 19 1.48 13.52 15.37
C LYS B 19 1.67 14.37 14.11
N VAL B 20 2.57 13.95 13.24
CA VAL B 20 2.86 14.64 11.99
C VAL B 20 1.89 14.12 10.93
N SER B 21 1.07 15.00 10.39
CA SER B 21 0.07 14.64 9.38
C SER B 21 0.58 15.03 8.01
N CYS B 22 0.43 14.14 7.03
CA CYS B 22 0.80 14.40 5.65
C CYS B 22 -0.32 13.90 4.75
N LYS B 23 -1.07 14.83 4.17
CA LYS B 23 -2.17 14.51 3.28
C LYS B 23 -1.70 14.55 1.84
N ALA B 24 -1.95 13.46 1.11
CA ALA B 24 -1.60 13.36 -0.30
C ALA B 24 -2.86 13.48 -1.14
N SER B 25 -2.81 14.32 -2.17
CA SER B 25 -3.97 14.58 -3.00
C SER B 25 -3.55 14.66 -4.46
N GLY B 26 -4.54 14.58 -5.34
CA GLY B 26 -4.32 14.66 -6.77
C GLY B 26 -3.98 13.34 -7.43
N PHE B 27 -3.65 12.32 -6.64
CA PHE B 27 -3.30 11.02 -7.17
C PHE B 27 -3.82 9.96 -6.22
N THR B 28 -3.92 8.73 -6.72
CA THR B 28 -4.44 7.62 -5.91
C THR B 28 -3.49 7.38 -4.74
N PHE B 29 -3.92 7.78 -3.56
CA PHE B 29 -3.12 7.58 -2.35
C PHE B 29 -3.49 6.26 -1.67
N THR B 30 -3.55 5.21 -2.46
CA THR B 30 -3.78 3.86 -1.97
C THR B 30 -2.77 2.87 -2.55
N SER B 31 -2.28 3.11 -3.76
CA SER B 31 -1.25 2.28 -4.38
C SER B 31 0.15 2.84 -4.17
N SER B 32 0.28 3.93 -3.41
CA SER B 32 1.56 4.60 -3.20
C SER B 32 1.97 4.43 -1.75
N ALA B 33 3.22 4.06 -1.53
CA ALA B 33 3.77 4.00 -0.19
C ALA B 33 4.04 5.43 0.32
N VAL B 34 4.53 5.53 1.54
CA VAL B 34 4.88 6.81 2.13
C VAL B 34 6.22 6.65 2.84
N GLN B 35 7.02 7.72 2.83
CA GLN B 35 8.36 7.69 3.38
C GLN B 35 8.61 8.96 4.17
N TRP B 36 9.17 8.79 5.37
CA TRP B 36 9.40 9.91 6.28
C TRP B 36 10.89 10.04 6.56
N VAL B 37 11.42 11.23 6.34
CA VAL B 37 12.83 11.53 6.60
C VAL B 37 12.91 12.84 7.37
N ARG B 38 13.84 12.91 8.32
CA ARG B 38 14.00 14.08 9.18
C ARG B 38 15.23 14.88 8.74
N GLN B 39 15.03 16.17 8.52
CA GLN B 39 16.09 17.11 8.21
C GLN B 39 16.17 18.15 9.33
N ALA B 40 17.27 18.14 10.07
CA ALA B 40 17.54 19.20 11.03
C ALA B 40 18.15 20.38 10.29
N ARG B 41 18.71 21.33 11.02
CA ARG B 41 19.33 22.51 10.41
C ARG B 41 20.82 22.22 10.22
N GLY B 42 21.22 22.01 8.97
CA GLY B 42 22.62 21.92 8.61
C GLY B 42 23.16 20.52 8.41
N GLN B 43 22.47 19.48 8.88
CA GLN B 43 22.92 18.10 8.72
C GLN B 43 21.95 17.36 7.82
N ARG B 44 22.49 16.50 6.95
CA ARG B 44 21.68 15.87 5.92
C ARG B 44 20.66 14.93 6.52
N LEU B 45 19.54 14.77 5.83
CA LEU B 45 18.39 14.06 6.37
C LEU B 45 18.63 12.55 6.44
N GLU B 46 17.71 11.88 7.13
CA GLU B 46 17.77 10.44 7.38
C GLU B 46 16.35 9.95 7.60
N TRP B 47 16.17 8.62 7.60
CA TRP B 47 14.86 8.07 7.94
C TRP B 47 14.20 8.63 9.18
N ILE B 48 12.87 8.54 9.16
CA ILE B 48 12.04 8.56 10.35
C ILE B 48 11.30 7.23 10.29
N GLY B 49 10.76 6.92 9.12
CA GLY B 49 10.12 5.65 8.85
C GLY B 49 9.39 5.74 7.53
N TRP B 50 9.11 4.58 6.95
CA TRP B 50 8.33 4.51 5.72
C TRP B 50 7.28 3.42 5.84
N ILE B 51 6.13 3.66 5.21
CA ILE B 51 4.99 2.75 5.28
C ILE B 51 4.44 2.52 3.88
N VAL B 52 3.73 1.41 3.73
CA VAL B 52 2.94 1.10 2.55
C VAL B 52 1.48 1.17 2.93
N VAL B 53 0.76 2.13 2.33
CA VAL B 53 -0.61 2.40 2.75
C VAL B 53 -1.47 1.15 2.60
N GLY B 54 -1.35 0.46 1.46
CA GLY B 54 -2.17 -0.70 1.21
C GLY B 54 -1.66 -1.98 1.84
N SER B 55 -0.34 -2.16 1.86
CA SER B 55 0.25 -3.42 2.28
C SER B 55 0.40 -3.56 3.78
N GLY B 56 -0.01 -2.55 4.55
CA GLY B 56 -0.02 -2.69 6.00
C GLY B 56 1.35 -2.85 6.62
N ASN B 57 2.41 -2.49 5.91
CA ASN B 57 3.77 -2.66 6.38
C ASN B 57 4.31 -1.32 6.88
N THR B 58 5.15 -1.38 7.91
CA THR B 58 5.76 -0.19 8.47
C THR B 58 7.18 -0.54 8.93
N ASP B 59 8.13 0.33 8.64
CA ASP B 59 9.51 0.15 9.04
C ASP B 59 10.02 1.45 9.64
N TYR B 60 11.30 1.42 10.04
CA TYR B 60 11.95 2.60 10.57
C TYR B 60 13.41 2.26 10.87
N ALA B 61 14.20 3.30 11.10
CA ALA B 61 15.63 3.13 11.29
C ALA B 61 15.93 2.43 12.62
N GLN B 62 17.10 1.79 12.68
CA GLN B 62 17.47 1.04 13.87
C GLN B 62 17.66 1.97 15.07
N GLN B 63 17.87 3.26 14.83
CA GLN B 63 17.96 4.21 15.93
C GLN B 63 16.60 4.68 16.42
N PHE B 64 15.51 4.31 15.74
CA PHE B 64 14.16 4.70 16.10
C PHE B 64 13.33 3.49 16.48
N GLN B 65 13.92 2.57 17.24
CA GLN B 65 13.20 1.37 17.65
C GLN B 65 12.24 1.69 18.80
N GLU B 66 11.03 1.14 18.69
CA GLU B 66 9.97 1.32 19.68
C GLU B 66 9.81 2.78 20.11
N ARG B 67 10.11 3.72 19.21
CA ARG B 67 9.87 5.12 19.49
C ARG B 67 9.30 5.87 18.29
N VAL B 68 9.05 5.19 17.17
CA VAL B 68 8.43 5.80 16.01
C VAL B 68 7.36 4.85 15.49
N THR B 69 6.15 5.37 15.31
CA THR B 69 5.05 4.61 14.74
C THR B 69 4.42 5.45 13.64
N ILE B 70 4.31 4.87 12.44
CA ILE B 70 3.77 5.54 11.28
C ILE B 70 2.45 4.87 10.91
N THR B 71 1.36 5.61 11.04
CA THR B 71 0.01 5.08 10.81
C THR B 71 -0.61 5.74 9.60
N ARG B 72 -1.38 4.95 8.86
CA ARG B 72 -2.02 5.38 7.63
C ARG B 72 -3.49 5.72 7.89
N ASP B 73 -4.10 6.41 6.92
CA ASP B 73 -5.53 6.70 6.96
C ASP B 73 -6.03 6.82 5.53
N MET B 74 -6.61 5.74 5.00
CA MET B 74 -7.16 5.77 3.65
C MET B 74 -8.40 6.65 3.55
N SER B 75 -9.19 6.73 4.63
CA SER B 75 -10.45 7.48 4.57
C SER B 75 -10.19 8.94 4.20
N THR B 76 -9.22 9.58 4.84
CA THR B 76 -8.84 10.95 4.53
C THR B 76 -7.61 11.02 3.62
N SER B 77 -7.07 9.88 3.21
CA SER B 77 -5.88 9.82 2.35
C SER B 77 -4.75 10.65 2.96
N THR B 78 -4.32 10.20 4.14
CA THR B 78 -3.25 10.87 4.87
C THR B 78 -2.34 9.82 5.49
N ALA B 79 -1.09 10.24 5.75
CA ALA B 79 -0.12 9.42 6.45
C ALA B 79 0.27 10.10 7.76
N TYR B 80 0.09 9.39 8.86
CA TYR B 80 0.36 9.91 10.19
C TYR B 80 1.57 9.22 10.80
N MET B 81 2.32 9.98 11.59
CA MET B 81 3.59 9.54 12.15
C MET B 81 3.69 10.01 13.59
N GLU B 82 4.02 9.08 14.49
CA GLU B 82 4.11 9.39 15.91
C GLU B 82 5.50 9.07 16.42
N LEU B 83 6.18 10.07 16.98
CA LEU B 83 7.47 9.90 17.63
C LEU B 83 7.27 10.00 19.13
N SER B 84 7.37 8.87 19.81
CA SER B 84 7.19 8.80 21.26
C SER B 84 8.54 8.95 21.94
N SER B 85 8.56 9.71 23.04
CA SER B 85 9.78 9.95 23.79
C SER B 85 10.88 10.53 22.89
N LEU B 86 10.47 11.41 21.99
CA LEU B 86 11.43 12.03 21.07
C LEU B 86 12.49 12.80 21.85
N GLY B 87 13.75 12.60 21.45
CA GLY B 87 14.84 13.26 22.14
C GLY B 87 14.82 14.76 21.95
N SER B 88 15.50 15.45 22.86
CA SER B 88 15.58 16.91 22.77
C SER B 88 16.28 17.35 21.49
N GLU B 89 17.09 16.48 20.89
CA GLU B 89 17.81 16.79 19.67
C GLU B 89 16.96 16.57 18.42
N ASP B 90 15.71 16.14 18.56
CA ASP B 90 14.86 15.81 17.44
C ASP B 90 14.27 17.05 16.76
N THR B 91 14.67 18.25 17.17
CA THR B 91 14.18 19.46 16.54
C THR B 91 14.62 19.48 15.08
N ALA B 92 13.67 19.30 14.17
CA ALA B 92 13.97 19.15 12.76
C ALA B 92 12.66 19.15 11.98
N VAL B 93 12.77 19.38 10.67
CA VAL B 93 11.59 19.29 9.80
C VAL B 93 11.40 17.84 9.39
N TYR B 94 10.17 17.36 9.55
CA TYR B 94 9.82 15.96 9.37
C TYR B 94 9.08 15.82 8.05
N TYR B 95 9.75 15.21 7.07
CA TYR B 95 9.29 15.20 5.70
C TYR B 95 8.42 13.98 5.44
N CYS B 96 7.69 14.01 4.33
CA CYS B 96 6.95 12.85 3.84
C CYS B 96 7.13 12.76 2.33
N ALA B 97 7.28 11.54 1.83
CA ALA B 97 7.54 11.30 0.41
C ALA B 97 6.67 10.15 -0.08
N ALA B 98 6.50 10.09 -1.39
CA ALA B 98 5.77 9.01 -2.04
C ALA B 98 5.94 9.14 -3.55
N PRO B 99 5.63 8.09 -4.31
CA PRO B 99 5.66 8.20 -5.77
C PRO B 99 4.41 8.87 -6.30
N ASN B 100 4.59 9.98 -7.01
CA ASN B 100 3.49 10.59 -7.75
C ASN B 100 3.10 9.62 -8.85
N CYS B 101 1.99 8.92 -8.68
CA CYS B 101 1.70 7.80 -9.56
C CYS B 101 0.22 7.45 -9.46
N SER B 102 -0.30 6.89 -10.55
CA SER B 102 -1.69 6.45 -10.62
C SER B 102 -1.76 5.08 -11.26
N GLY B 103 -2.79 4.33 -10.89
CA GLY B 103 -3.02 3.01 -11.44
C GLY B 103 -2.49 1.91 -10.52
N GLY B 104 -2.97 0.69 -10.80
CA GLY B 104 -2.53 -0.45 -9.99
C GLY B 104 -1.03 -0.63 -10.02
N SER B 105 -0.45 -0.70 -11.22
CA SER B 105 0.99 -0.65 -11.42
C SER B 105 1.35 0.77 -11.83
N CYS B 106 2.11 1.46 -10.99
CA CYS B 106 2.30 2.89 -11.16
C CYS B 106 3.78 3.21 -11.04
N TYR B 107 4.10 4.49 -11.25
CA TYR B 107 5.47 4.99 -11.30
C TYR B 107 6.32 4.49 -10.14
N ASP B 108 7.63 4.44 -10.34
CA ASP B 108 8.57 3.87 -9.38
C ASP B 108 9.24 4.90 -8.47
N GLY B 109 9.69 6.02 -9.03
CA GLY B 109 10.51 6.94 -8.26
C GLY B 109 9.70 7.79 -7.29
N PHE B 110 10.42 8.48 -6.42
CA PHE B 110 9.82 9.34 -5.40
C PHE B 110 9.69 10.77 -5.94
N ASP B 111 8.77 10.93 -6.88
CA ASP B 111 8.56 12.24 -7.49
C ASP B 111 8.11 13.26 -6.45
N LEU B 112 6.93 13.07 -5.88
CA LEU B 112 6.34 14.08 -5.01
C LEU B 112 6.95 14.04 -3.62
N TRP B 113 7.16 15.22 -3.04
CA TRP B 113 7.73 15.37 -1.72
C TRP B 113 6.90 16.36 -0.93
N GLY B 114 6.73 16.07 0.36
CA GLY B 114 5.97 16.95 1.22
C GLY B 114 6.66 18.28 1.46
N GLN B 115 5.86 19.27 1.82
CA GLN B 115 6.38 20.60 2.11
C GLN B 115 7.23 20.63 3.38
N GLY B 116 7.21 19.57 4.18
CA GLY B 116 7.93 19.54 5.42
C GLY B 116 7.10 19.97 6.61
N THR B 117 7.43 19.41 7.77
CA THR B 117 6.71 19.69 9.01
C THR B 117 7.75 20.01 10.09
N MET B 118 8.07 21.28 10.25
CA MET B 118 8.99 21.68 11.31
C MET B 118 8.47 21.20 12.65
N VAL B 119 9.32 20.50 13.39
CA VAL B 119 8.99 20.01 14.72
C VAL B 119 10.06 20.48 15.68
N THR B 120 9.64 21.14 16.76
CA THR B 120 10.55 21.68 17.74
C THR B 120 10.21 21.12 19.11
N VAL B 121 11.24 20.81 19.88
CA VAL B 121 11.09 20.30 21.23
C VAL B 121 11.68 21.35 22.16
N SER B 122 10.83 22.26 22.62
CA SER B 122 11.25 23.43 23.39
C SER B 122 10.60 23.41 24.76
N SER B 123 11.34 23.90 25.76
CA SER B 123 10.84 23.97 27.11
C SER B 123 9.56 24.80 27.17
N GLU C 1 22.77 -0.40 8.29
CA GLU C 1 23.49 0.91 8.30
C GLU C 1 24.43 1.03 7.11
N ILE C 2 23.86 1.32 5.95
CA ILE C 2 24.66 1.51 4.74
C ILE C 2 25.22 2.92 4.72
N VAL C 3 26.50 3.03 4.41
CA VAL C 3 27.19 4.32 4.36
C VAL C 3 27.60 4.59 2.92
N LEU C 4 27.27 5.77 2.41
CA LEU C 4 27.56 6.15 1.04
C LEU C 4 28.48 7.36 1.03
N THR C 5 29.79 7.11 1.13
CA THR C 5 30.76 8.17 0.93
C THR C 5 30.71 8.64 -0.52
N GLN C 6 31.03 9.91 -0.72
CA GLN C 6 30.79 10.55 -2.01
C GLN C 6 32.01 11.35 -2.42
N SER C 7 31.91 12.01 -3.57
CA SER C 7 32.85 13.06 -3.91
C SER C 7 32.74 14.16 -2.87
N PRO C 8 33.85 14.80 -2.50
CA PRO C 8 33.80 15.74 -1.37
C PRO C 8 32.74 16.81 -1.57
N GLY C 9 32.00 17.08 -0.50
CA GLY C 9 30.98 18.11 -0.54
C GLY C 9 31.59 19.48 -0.75
N THR C 10 30.73 20.43 -1.13
CA THR C 10 31.17 21.78 -1.43
C THR C 10 32.15 21.78 -2.60
N LEU C 11 31.94 20.86 -3.54
CA LEU C 11 32.79 20.80 -4.72
C LEU C 11 32.37 21.85 -5.73
N SER C 12 33.36 22.61 -6.22
CA SER C 12 33.11 23.76 -7.08
C SER C 12 32.77 23.29 -8.48
N LEU C 13 31.59 23.67 -8.97
CA LEU C 13 31.16 23.38 -10.32
C LEU C 13 30.38 24.58 -10.85
N SER C 14 30.63 24.95 -12.09
CA SER C 14 30.01 26.11 -12.72
C SER C 14 29.57 25.78 -14.13
N PRO C 15 28.58 26.51 -14.66
CA PRO C 15 28.24 26.33 -16.08
C PRO C 15 29.44 26.60 -16.98
N GLY C 16 29.52 25.84 -18.07
CA GLY C 16 30.63 25.92 -18.99
C GLY C 16 31.62 24.79 -18.90
N GLU C 17 31.54 23.97 -17.84
CA GLU C 17 32.40 22.80 -17.71
C GLU C 17 31.57 21.65 -17.16
N ARG C 18 31.97 20.43 -17.53
CA ARG C 18 31.26 19.24 -17.10
C ARG C 18 31.34 19.09 -15.59
N ALA C 19 30.20 18.74 -14.98
CA ALA C 19 30.10 18.54 -13.55
C ALA C 19 29.73 17.09 -13.27
N THR C 20 30.24 16.57 -12.16
CA THR C 20 30.02 15.17 -11.81
C THR C 20 29.97 15.03 -10.30
N LEU C 21 28.94 14.34 -9.82
CA LEU C 21 28.79 13.96 -8.42
C LEU C 21 28.68 12.44 -8.34
N SER C 22 29.23 11.86 -7.27
CA SER C 22 29.29 10.41 -7.16
C SER C 22 29.25 10.00 -5.70
N CYS C 23 28.49 8.93 -5.42
CA CYS C 23 28.54 8.25 -4.13
C CYS C 23 28.69 6.75 -4.38
N ARG C 24 29.53 6.11 -3.58
CA ARG C 24 29.88 4.71 -3.77
C ARG C 24 29.16 3.86 -2.73
N GLY C 25 28.56 2.77 -3.17
CA GLY C 25 27.90 1.86 -2.26
C GLY C 25 28.89 1.18 -1.32
N SER C 26 28.44 0.96 -0.09
CA SER C 26 29.25 0.18 0.86
C SER C 26 29.54 -1.19 0.28
N GLN C 27 28.51 -1.85 -0.24
CA GLN C 27 28.66 -3.04 -1.07
C GLN C 27 27.84 -2.82 -2.33
N SER C 28 28.40 -3.26 -3.47
CA SER C 28 27.72 -3.02 -4.75
C SER C 28 26.27 -3.42 -4.66
N VAL C 29 25.38 -2.43 -4.80
CA VAL C 29 23.96 -2.65 -4.63
C VAL C 29 23.27 -2.60 -6.00
N ARG C 30 22.02 -3.05 -6.04
CA ARG C 30 21.25 -3.00 -7.27
C ARG C 30 21.06 -1.56 -7.73
N SER C 31 21.33 -1.31 -9.02
CA SER C 31 21.42 0.06 -9.49
C SER C 31 20.05 0.71 -9.63
N SER C 32 19.03 -0.07 -10.01
CA SER C 32 17.74 0.51 -10.35
C SER C 32 16.95 0.99 -9.13
N TYR C 33 17.40 0.67 -7.91
CA TYR C 33 16.73 1.13 -6.71
C TYR C 33 17.50 2.23 -5.99
N LEU C 34 18.41 2.90 -6.69
CA LEU C 34 19.04 4.12 -6.22
C LEU C 34 18.25 5.32 -6.75
N GLY C 35 18.73 6.51 -6.41
CA GLY C 35 18.18 7.73 -6.94
C GLY C 35 18.69 8.95 -6.22
N TRP C 36 19.05 10.01 -6.93
CA TRP C 36 19.62 11.19 -6.30
C TRP C 36 18.64 12.34 -6.41
N TYR C 37 18.06 12.72 -5.27
CA TYR C 37 17.13 13.83 -5.18
C TYR C 37 17.78 14.99 -4.43
N GLN C 38 17.65 16.19 -4.98
CA GLN C 38 18.32 17.37 -4.48
C GLN C 38 17.37 18.21 -3.63
N GLN C 39 17.89 18.74 -2.53
CA GLN C 39 17.15 19.63 -1.65
C GLN C 39 17.63 21.06 -1.88
N LYS C 40 16.72 21.92 -2.31
CA LYS C 40 17.06 23.32 -2.50
C LYS C 40 17.32 23.98 -1.15
N PRO C 41 18.06 25.09 -1.13
CA PRO C 41 18.39 25.74 0.15
C PRO C 41 17.20 26.41 0.82
N GLY C 42 16.38 25.59 1.47
CA GLY C 42 15.22 26.08 2.19
C GLY C 42 13.91 25.59 1.62
N GLN C 43 13.94 24.45 0.93
CA GLN C 43 12.73 23.86 0.37
C GLN C 43 12.81 22.35 0.52
N ALA C 44 11.72 21.69 0.16
CA ALA C 44 11.74 20.24 0.09
C ALA C 44 12.42 19.80 -1.20
N PRO C 45 13.05 18.62 -1.21
CA PRO C 45 13.73 18.17 -2.43
C PRO C 45 12.78 17.59 -3.46
N ARG C 46 13.34 17.07 -4.55
CA ARG C 46 12.56 16.46 -5.61
C ARG C 46 13.43 15.48 -6.36
N LEU C 47 12.83 14.40 -6.84
CA LEU C 47 13.58 13.33 -7.49
C LEU C 47 14.20 13.81 -8.79
N LEU C 48 15.40 13.33 -9.08
CA LEU C 48 16.10 13.63 -10.32
C LEU C 48 16.40 12.39 -11.14
N ILE C 49 16.95 11.34 -10.52
CA ILE C 49 17.41 10.17 -11.24
C ILE C 49 17.23 8.95 -10.36
N TYR C 50 17.30 7.76 -10.97
CA TYR C 50 17.32 6.50 -10.23
C TYR C 50 17.91 5.44 -11.15
N GLY C 51 19.07 4.91 -10.77
CA GLY C 51 19.73 3.92 -11.60
C GLY C 51 20.11 4.41 -12.97
N ALA C 52 20.18 5.74 -13.17
CA ALA C 52 20.55 6.33 -14.44
C ALA C 52 19.51 6.10 -15.52
N SER C 53 18.34 5.54 -15.17
CA SER C 53 17.35 5.16 -16.17
C SER C 53 16.62 6.38 -16.72
N SER C 54 15.91 7.10 -15.87
CA SER C 54 15.09 8.22 -16.30
C SER C 54 15.94 9.46 -16.50
N ARG C 55 15.29 10.52 -16.99
CA ARG C 55 15.93 11.83 -17.07
C ARG C 55 15.72 12.58 -15.76
N ALA C 56 16.13 13.85 -15.74
CA ALA C 56 15.92 14.72 -14.58
C ALA C 56 14.57 15.39 -14.74
N THR C 57 13.54 14.79 -14.15
CA THR C 57 12.19 15.32 -14.29
C THR C 57 12.14 16.77 -13.83
N GLY C 58 11.53 17.62 -14.66
CA GLY C 58 11.52 19.05 -14.39
C GLY C 58 12.85 19.73 -14.55
N ILE C 59 13.85 19.04 -15.09
CA ILE C 59 15.20 19.60 -15.26
C ILE C 59 15.69 19.20 -16.64
N PRO C 60 16.46 20.05 -17.34
CA PRO C 60 17.00 19.65 -18.63
C PRO C 60 17.88 18.41 -18.51
N ASP C 61 17.87 17.60 -19.57
CA ASP C 61 18.52 16.29 -19.53
C ASP C 61 20.03 16.38 -19.46
N ARG C 62 20.62 17.58 -19.30
CA ARG C 62 22.03 17.65 -18.98
C ARG C 62 22.35 16.78 -17.78
N PHE C 63 21.46 16.79 -16.78
CA PHE C 63 21.52 15.82 -15.70
C PHE C 63 21.32 14.41 -16.26
N SER C 64 22.15 13.48 -15.78
CA SER C 64 21.99 12.08 -16.16
C SER C 64 22.82 11.18 -15.26
N GLY C 65 22.19 10.16 -14.68
CA GLY C 65 22.92 9.21 -13.88
C GLY C 65 23.85 8.35 -14.72
N SER C 66 24.73 7.62 -14.03
CA SER C 66 25.69 6.77 -14.69
C SER C 66 26.35 5.88 -13.64
N GLY C 67 27.31 5.08 -14.08
CA GLY C 67 28.03 4.19 -13.19
C GLY C 67 27.32 2.87 -12.99
N SER C 68 28.05 1.95 -12.37
CA SER C 68 27.55 0.62 -12.11
C SER C 68 27.97 0.18 -10.71
N GLY C 69 27.11 -0.62 -10.08
CA GLY C 69 27.43 -1.11 -8.75
C GLY C 69 27.58 0.01 -7.76
N THR C 70 28.69 0.02 -7.03
CA THR C 70 28.90 1.02 -6.00
C THR C 70 28.96 2.43 -6.59
N ASP C 71 29.82 2.62 -7.59
CA ASP C 71 30.15 3.96 -8.10
C ASP C 71 29.08 4.39 -9.10
N PHE C 72 28.19 5.26 -8.67
CA PHE C 72 27.21 5.90 -9.54
C PHE C 72 27.54 7.37 -9.67
N THR C 73 27.41 7.91 -10.88
CA THR C 73 27.75 9.30 -11.19
C THR C 73 26.56 9.97 -11.86
N LEU C 74 26.38 11.25 -11.56
CA LEU C 74 25.43 12.11 -12.27
C LEU C 74 26.21 13.17 -13.04
N THR C 75 26.25 13.01 -14.36
CA THR C 75 27.01 13.89 -15.23
C THR C 75 26.12 15.03 -15.71
N ILE C 76 26.65 16.24 -15.63
CA ILE C 76 25.99 17.43 -16.17
C ILE C 76 26.95 18.01 -17.20
N SER C 77 26.76 17.62 -18.46
CA SER C 77 27.71 17.99 -19.50
C SER C 77 27.94 19.50 -19.55
N ARG C 78 26.90 20.29 -19.28
CA ARG C 78 27.04 21.75 -19.21
C ARG C 78 26.21 22.20 -18.02
N LEU C 79 26.87 22.48 -16.91
CA LEU C 79 26.16 22.83 -15.68
C LEU C 79 25.31 24.08 -15.90
N GLU C 80 24.28 24.23 -15.08
CA GLU C 80 23.36 25.35 -15.14
C GLU C 80 23.30 26.05 -13.79
N PRO C 81 22.97 27.35 -13.76
CA PRO C 81 23.19 28.12 -12.54
C PRO C 81 22.16 27.92 -11.44
N GLU C 82 20.99 27.36 -11.75
CA GLU C 82 19.93 27.24 -10.76
C GLU C 82 20.14 26.07 -9.79
N ASP C 83 21.16 25.24 -10.02
CA ASP C 83 21.31 23.98 -9.32
C ASP C 83 22.20 24.07 -8.08
N PHE C 84 22.25 25.23 -7.43
CA PHE C 84 22.93 25.34 -6.14
C PHE C 84 22.04 24.66 -5.10
N ALA C 85 22.30 23.39 -4.84
CA ALA C 85 21.47 22.59 -3.96
C ALA C 85 22.28 21.42 -3.45
N VAL C 86 21.79 20.75 -2.41
CA VAL C 86 22.46 19.61 -1.80
C VAL C 86 21.81 18.35 -2.35
N TYR C 87 22.55 17.63 -3.18
CA TYR C 87 22.12 16.32 -3.64
C TYR C 87 22.44 15.27 -2.58
N TYR C 88 21.68 14.18 -2.59
CA TYR C 88 22.13 12.98 -1.92
C TYR C 88 21.53 11.78 -2.65
N CYS C 89 22.26 10.69 -2.64
CA CYS C 89 21.88 9.49 -3.38
C CYS C 89 20.99 8.60 -2.51
N GLN C 90 19.70 8.60 -2.81
CA GLN C 90 18.73 7.71 -2.18
C GLN C 90 19.12 6.27 -2.43
N GLN C 91 18.86 5.41 -1.44
CA GLN C 91 19.08 3.98 -1.55
C GLN C 91 17.85 3.26 -1.03
N TYR C 92 17.04 2.72 -1.94
CA TYR C 92 15.78 2.06 -1.60
C TYR C 92 15.75 0.65 -2.17
N GLY C 93 16.84 -0.08 -1.94
CA GLY C 93 16.91 -1.48 -2.26
C GLY C 93 16.62 -2.35 -1.05
N SER C 94 17.66 -2.82 -0.37
CA SER C 94 17.48 -3.57 0.86
C SER C 94 16.71 -2.71 1.87
N SER C 95 16.28 -3.33 2.96
CA SER C 95 15.42 -2.62 3.91
C SER C 95 16.07 -1.37 4.45
N PRO C 96 17.23 -1.40 5.10
CA PRO C 96 17.88 -0.14 5.50
C PRO C 96 18.16 0.75 4.30
N TRP C 97 17.83 2.04 4.45
CA TRP C 97 18.02 3.02 3.40
C TRP C 97 18.81 4.19 3.98
N THR C 98 19.95 4.50 3.38
CA THR C 98 20.82 5.58 3.85
C THR C 98 20.44 6.88 3.15
N PHE C 99 20.44 7.98 3.90
CA PHE C 99 20.00 9.27 3.38
C PHE C 99 20.83 10.46 3.81
N GLY C 100 21.92 10.29 4.55
CA GLY C 100 22.70 11.45 4.90
C GLY C 100 24.20 11.27 4.95
N GLN C 101 24.89 12.00 4.06
CA GLN C 101 26.33 12.22 4.18
C GLN C 101 26.76 13.63 3.82
N GLY C 102 25.92 14.43 3.16
CA GLY C 102 26.26 15.80 2.83
C GLY C 102 26.92 15.96 1.48
N THR C 103 26.28 15.44 0.42
CA THR C 103 26.84 15.53 -0.93
C THR C 103 26.39 16.85 -1.55
N LYS C 104 26.87 17.95 -0.97
CA LYS C 104 26.49 19.28 -1.41
C LYS C 104 27.16 19.59 -2.75
N VAL C 105 26.44 20.32 -3.60
CA VAL C 105 26.98 20.83 -4.86
C VAL C 105 26.59 22.30 -4.96
N GLU C 106 27.59 23.16 -5.15
CA GLU C 106 27.36 24.59 -5.30
C GLU C 106 27.61 25.00 -6.75
N ILE C 107 27.09 26.17 -7.11
CA ILE C 107 27.22 26.73 -8.45
C ILE C 107 27.89 28.09 -8.33
N LYS C 108 28.89 28.34 -9.16
CA LYS C 108 29.64 29.58 -9.12
C LYS C 108 30.29 29.78 -7.75
#